data_9C56
#
_entry.id   9C56
#
_cell.length_a   83.549
_cell.length_b   225.084
_cell.length_c   36.602
_cell.angle_alpha   90.000
_cell.angle_beta   90.000
_cell.angle_gamma   90.000
#
_symmetry.space_group_name_H-M   'C 2 2 21'
#
loop_
_entity.id
_entity.type
_entity.pdbx_description
1 polymer 'Tyrosine-protein phosphatase non-receptor type 2'
2 non-polymer '3-(3,5-DIBROMO-4-HYDROXY-BENZOYL)-2-ETHYL-BENZOFURAN-6-SULFONIC ACID [4-(THIAZOL-2-YLSULFAMOYL)-PHENYL]-AMIDE'
3 water water
#
_entity_poly.entity_id   1
_entity_poly.type   'polypeptide(L)'
_entity_poly.pdbx_seq_one_letter_code
;GMPTTIEREFEELDTQRRWQPLYLEIRNESHDYPHRVAKFPENRNRNRYRDVSPYDHSRVKLQNAENDYINASLVDIEEA
QRSYILTQGPLPNTCCHFWLMVWQQKTKAVVMLNRIVEKESVKCAQYWPTDDQEMLFKETGFSVKLLSEDVKSYYTVHLL
QLENINSGETRTISHFHYTTWPDFGVPESPASFLNFLFKVRESGSLNPDHGPAVIHCSAGIGRSGTFSLVDTCLVLMEKG
DDINIKQVLLNMRKYRMGLIQTPDQLRFSYMAIIEGAKCIKGDSSIQKRWKELSKEDLSPAFDHSPNKIMTEKYN
;
_entity_poly.pdbx_strand_id   A
#
loop_
_chem_comp.id
_chem_comp.type
_chem_comp.name
_chem_comp.formula
FRJ non-polymer '3-(3,5-DIBROMO-4-HYDROXY-BENZOYL)-2-ETHYL-BENZOFURAN-6-SULFONIC ACID [4-(THIAZOL-2-YLSULFAMOYL)-PHENYL]-AMIDE' 'C26 H19 Br2 N3 O7 S3'
#
# COMPACT_ATOMS: atom_id res chain seq x y z
N PRO A 3 30.43 6.96 -1.62
CA PRO A 3 29.30 6.71 -2.52
C PRO A 3 28.97 5.22 -2.64
N THR A 4 27.71 4.87 -2.45
CA THR A 4 27.27 3.48 -2.53
C THR A 4 26.96 3.10 -3.98
N THR A 5 26.70 1.82 -4.18
CA THR A 5 26.36 1.34 -5.52
C THR A 5 25.03 1.90 -5.99
N ILE A 6 24.07 2.06 -5.06
CA ILE A 6 22.78 2.62 -5.43
C ILE A 6 22.92 4.08 -5.81
N GLU A 7 23.79 4.83 -5.11
CA GLU A 7 24.01 6.22 -5.44
C GLU A 7 24.72 6.36 -6.78
N ARG A 8 25.68 5.48 -7.07
CA ARG A 8 26.34 5.49 -8.37
C ARG A 8 25.34 5.25 -9.49
N GLU A 9 24.46 4.26 -9.31
N GLU A 9 24.46 4.26 -9.30
CA GLU A 9 23.45 3.97 -10.33
CA GLU A 9 23.45 3.96 -10.32
C GLU A 9 22.46 5.12 -10.47
C GLU A 9 22.45 5.11 -10.46
N PHE A 10 22.06 5.72 -9.35
CA PHE A 10 21.08 6.80 -9.40
C PHE A 10 21.61 8.00 -10.17
N GLU A 11 22.89 8.34 -9.99
CA GLU A 11 23.46 9.45 -10.75
C GLU A 11 23.60 9.09 -12.22
N GLU A 12 24.00 7.86 -12.52
CA GLU A 12 24.15 7.44 -13.91
C GLU A 12 22.83 7.57 -14.66
N LEU A 13 21.71 7.17 -14.03
CA LEU A 13 20.42 7.32 -14.69
C LEU A 13 19.98 8.77 -14.79
N ASP A 14 20.49 9.63 -13.89
CA ASP A 14 20.05 11.02 -13.87
C ASP A 14 20.72 11.84 -14.96
N THR A 15 22.05 11.77 -15.05
CA THR A 15 22.75 12.54 -16.06
C THR A 15 22.53 11.97 -17.46
N GLN A 16 22.45 10.65 -17.59
CA GLN A 16 22.19 10.04 -18.89
C GLN A 16 20.71 10.07 -19.28
N ARG A 17 19.83 10.45 -18.37
CA ARG A 17 18.39 10.52 -18.61
C ARG A 17 17.86 9.17 -19.11
N ARG A 18 18.00 8.16 -18.25
N ARG A 18 18.00 8.16 -18.25
CA ARG A 18 17.62 6.79 -18.56
CA ARG A 18 17.61 6.79 -18.57
C ARG A 18 16.54 6.27 -17.61
C ARG A 18 16.55 6.27 -17.60
N TRP A 19 15.70 7.16 -17.10
CA TRP A 19 14.65 6.74 -16.18
C TRP A 19 13.45 6.14 -16.91
N GLN A 20 13.15 6.64 -18.11
CA GLN A 20 12.02 6.12 -18.89
C GLN A 20 12.34 4.79 -19.56
N PRO A 21 13.52 4.59 -20.17
CA PRO A 21 13.84 3.24 -20.66
C PRO A 21 14.00 2.22 -19.56
N LEU A 22 14.50 2.63 -18.38
CA LEU A 22 14.57 1.70 -17.26
C LEU A 22 13.17 1.26 -16.83
N TYR A 23 12.22 2.20 -16.78
CA TYR A 23 10.85 1.83 -16.46
C TYR A 23 10.22 1.02 -17.59
N LEU A 24 10.61 1.30 -18.84
CA LEU A 24 10.14 0.48 -19.95
C LEU A 24 10.71 -0.94 -19.86
N GLU A 25 11.94 -1.07 -19.39
CA GLU A 25 12.51 -2.40 -19.18
C GLU A 25 11.74 -3.16 -18.11
N ILE A 26 11.38 -2.48 -17.03
CA ILE A 26 10.62 -3.14 -15.96
C ILE A 26 9.24 -3.54 -16.46
N ARG A 27 8.64 -2.72 -17.33
CA ARG A 27 7.34 -3.07 -17.90
C ARG A 27 7.45 -4.28 -18.81
N ASN A 28 8.50 -4.36 -19.63
CA ASN A 28 8.63 -5.46 -20.58
C ASN A 28 8.99 -6.77 -19.88
N GLU A 29 9.78 -6.70 -18.80
CA GLU A 29 10.18 -7.90 -18.08
C GLU A 29 9.18 -8.33 -17.03
N SER A 30 8.04 -7.64 -16.92
CA SER A 30 7.02 -7.99 -15.94
C SER A 30 6.22 -9.18 -16.46
N HIS A 31 6.19 -10.26 -15.68
CA HIS A 31 5.45 -11.45 -16.06
C HIS A 31 3.95 -11.26 -15.79
N ASP A 32 3.13 -11.83 -16.66
CA ASP A 32 1.68 -11.79 -16.52
C ASP A 32 1.19 -13.11 -15.95
N TYR A 33 0.30 -13.03 -14.96
CA TYR A 33 -0.25 -14.21 -14.32
C TYR A 33 -1.77 -14.22 -14.46
N PRO A 34 -2.39 -15.40 -14.44
CA PRO A 34 -3.85 -15.47 -14.59
C PRO A 34 -4.58 -14.74 -13.48
N HIS A 35 -5.61 -13.98 -13.86
CA HIS A 35 -6.49 -13.30 -12.92
C HIS A 35 -7.94 -13.53 -13.34
N ARG A 36 -8.34 -14.80 -13.31
CA ARG A 36 -9.66 -15.18 -13.81
C ARG A 36 -10.77 -14.77 -12.84
N VAL A 37 -10.53 -14.93 -11.54
CA VAL A 37 -11.58 -14.67 -10.55
C VAL A 37 -12.02 -13.22 -10.61
N ALA A 38 -11.08 -12.30 -10.87
CA ALA A 38 -11.42 -10.88 -10.93
C ALA A 38 -12.34 -10.57 -12.11
N LYS A 39 -12.27 -11.37 -13.18
CA LYS A 39 -13.05 -11.13 -14.38
C LYS A 39 -14.37 -11.89 -14.39
N PHE A 40 -14.74 -12.51 -13.27
CA PHE A 40 -16.05 -13.16 -13.20
C PHE A 40 -17.15 -12.10 -13.29
N PRO A 41 -18.27 -12.41 -13.95
CA PRO A 41 -19.36 -11.42 -14.04
C PRO A 41 -19.91 -11.01 -12.68
N GLU A 42 -19.92 -11.93 -11.70
CA GLU A 42 -20.41 -11.59 -10.37
C GLU A 42 -19.46 -10.69 -9.61
N ASN A 43 -18.19 -10.61 -10.02
CA ASN A 43 -17.19 -9.80 -9.35
C ASN A 43 -16.97 -8.46 -10.03
N ARG A 44 -17.87 -8.06 -10.93
CA ARG A 44 -17.68 -6.81 -11.67
C ARG A 44 -17.86 -5.60 -10.77
N ASN A 45 -18.85 -5.61 -9.88
CA ASN A 45 -19.09 -4.49 -8.99
C ASN A 45 -18.13 -4.44 -7.81
N ARG A 46 -17.20 -5.39 -7.70
CA ARG A 46 -16.20 -5.41 -6.65
C ARG A 46 -14.85 -4.87 -7.11
N ASN A 47 -14.74 -4.44 -8.36
CA ASN A 47 -13.50 -3.92 -8.91
C ASN A 47 -13.68 -2.45 -9.24
N ARG A 48 -12.80 -1.60 -8.70
CA ARG A 48 -12.88 -0.18 -8.98
C ARG A 48 -12.45 0.14 -10.41
N TYR A 49 -11.40 -0.52 -10.89
CA TYR A 49 -10.87 -0.31 -12.22
C TYR A 49 -10.82 -1.62 -12.99
N ARG A 50 -11.12 -1.55 -14.29
CA ARG A 50 -11.16 -2.76 -15.11
C ARG A 50 -9.76 -3.29 -15.40
N ASP A 51 -8.77 -2.40 -15.50
CA ASP A 51 -7.42 -2.80 -15.86
C ASP A 51 -6.53 -3.07 -14.66
N VAL A 52 -7.09 -3.15 -13.45
CA VAL A 52 -6.35 -3.47 -12.24
C VAL A 52 -7.03 -4.65 -11.57
N SER A 53 -6.33 -5.78 -11.49
CA SER A 53 -6.88 -7.00 -10.93
C SER A 53 -5.81 -7.74 -10.16
N PRO A 54 -6.19 -8.44 -9.09
CA PRO A 54 -5.23 -9.27 -8.37
C PRO A 54 -5.06 -10.63 -9.05
N TYR A 55 -3.83 -11.14 -8.98
CA TYR A 55 -3.54 -12.45 -9.56
C TYR A 55 -4.25 -13.54 -8.76
N ASP A 56 -4.62 -14.61 -9.47
CA ASP A 56 -5.34 -15.71 -8.82
C ASP A 56 -4.48 -16.37 -7.75
N HIS A 57 -3.17 -16.47 -7.99
CA HIS A 57 -2.28 -17.19 -7.07
C HIS A 57 -1.94 -16.39 -5.82
N SER A 58 -2.16 -15.08 -5.82
CA SER A 58 -1.78 -14.24 -4.70
C SER A 58 -2.92 -13.41 -4.12
N ARG A 59 -4.13 -13.55 -4.64
CA ARG A 59 -5.25 -12.76 -4.14
C ARG A 59 -5.63 -13.19 -2.73
N VAL A 60 -6.17 -12.26 -1.97
CA VAL A 60 -6.64 -12.52 -0.62
C VAL A 60 -8.09 -13.00 -0.70
N LYS A 61 -8.38 -14.12 -0.02
CA LYS A 61 -9.69 -14.74 -0.07
C LYS A 61 -10.48 -14.41 1.19
N LEU A 62 -11.74 -14.02 1.01
CA LEU A 62 -12.65 -13.80 2.12
C LEU A 62 -13.19 -15.15 2.58
N GLN A 63 -12.75 -15.60 3.75
CA GLN A 63 -13.07 -16.95 4.20
C GLN A 63 -14.54 -17.07 4.62
N ASN A 64 -15.16 -18.18 4.21
CA ASN A 64 -16.51 -18.55 4.65
C ASN A 64 -17.57 -17.55 4.18
N ALA A 65 -17.36 -16.95 3.02
CA ALA A 65 -18.33 -16.05 2.41
C ALA A 65 -18.84 -16.65 1.11
N GLU A 66 -20.01 -16.20 0.67
CA GLU A 66 -20.56 -16.63 -0.61
C GLU A 66 -19.58 -16.34 -1.74
N ASN A 67 -19.19 -15.08 -1.87
CA ASN A 67 -18.18 -14.65 -2.83
C ASN A 67 -16.94 -14.27 -2.04
N ASP A 68 -15.88 -15.05 -2.18
CA ASP A 68 -14.64 -14.84 -1.44
C ASP A 68 -13.73 -13.82 -2.09
N TYR A 69 -14.18 -13.14 -3.14
CA TYR A 69 -13.31 -12.27 -3.92
C TYR A 69 -13.22 -10.88 -3.32
N ILE A 70 -12.00 -10.35 -3.28
CA ILE A 70 -11.75 -8.94 -2.98
C ILE A 70 -10.52 -8.53 -3.78
N ASN A 71 -10.53 -7.30 -4.28
CA ASN A 71 -9.42 -6.80 -5.08
C ASN A 71 -8.26 -6.45 -4.14
N ALA A 72 -7.58 -7.51 -3.69
CA ALA A 72 -6.47 -7.38 -2.75
C ALA A 72 -5.45 -8.47 -3.05
N SER A 73 -4.17 -8.12 -2.92
CA SER A 73 -3.08 -9.04 -3.20
C SER A 73 -2.15 -9.12 -2.00
N LEU A 74 -1.72 -10.34 -1.67
CA LEU A 74 -0.76 -10.57 -0.60
C LEU A 74 0.64 -10.55 -1.21
N VAL A 75 1.38 -9.46 -0.96
CA VAL A 75 2.73 -9.31 -1.48
C VAL A 75 3.71 -9.82 -0.43
N ASP A 76 4.32 -10.96 -0.71
CA ASP A 76 5.23 -11.61 0.23
C ASP A 76 6.67 -11.45 -0.24
N ILE A 77 7.53 -11.02 0.69
CA ILE A 77 8.96 -10.89 0.45
C ILE A 77 9.65 -11.64 1.59
N GLU A 78 10.01 -12.90 1.35
CA GLU A 78 10.56 -13.74 2.41
C GLU A 78 11.97 -13.28 2.82
N GLU A 79 12.76 -12.77 1.87
CA GLU A 79 14.11 -12.36 2.18
C GLU A 79 14.14 -11.20 3.15
N ALA A 80 13.12 -10.35 3.14
CA ALA A 80 13.00 -9.23 4.06
C ALA A 80 12.07 -9.51 5.23
N GLN A 81 11.49 -10.71 5.29
CA GLN A 81 10.54 -11.09 6.33
C GLN A 81 9.37 -10.09 6.38
N ARG A 82 8.97 -9.60 5.21
CA ARG A 82 7.91 -8.62 5.10
C ARG A 82 6.79 -9.16 4.24
N SER A 83 5.57 -8.73 4.54
CA SER A 83 4.39 -9.13 3.77
C SER A 83 3.33 -8.07 3.94
N TYR A 84 2.92 -7.45 2.82
CA TYR A 84 1.88 -6.45 2.82
C TYR A 84 0.68 -6.95 2.02
N ILE A 85 -0.48 -6.36 2.31
CA ILE A 85 -1.69 -6.58 1.53
C ILE A 85 -1.97 -5.29 0.77
N LEU A 86 -1.75 -5.32 -0.54
CA LEU A 86 -2.02 -4.18 -1.40
C LEU A 86 -3.40 -4.36 -2.02
N THR A 87 -4.28 -3.40 -1.79
CA THR A 87 -5.66 -3.48 -2.24
C THR A 87 -6.09 -2.14 -2.82
N GLN A 88 -7.25 -2.15 -3.48
CA GLN A 88 -7.82 -0.94 -4.04
C GLN A 88 -8.55 -0.13 -2.98
N GLY A 89 -8.87 1.11 -3.32
CA GLY A 89 -9.74 1.91 -2.49
C GLY A 89 -11.13 1.30 -2.46
N PRO A 90 -11.59 0.93 -1.27
CA PRO A 90 -12.85 0.20 -1.16
C PRO A 90 -14.02 0.98 -1.76
N LEU A 91 -14.88 0.26 -2.47
CA LEU A 91 -16.13 0.81 -2.97
C LEU A 91 -17.18 0.83 -1.87
N PRO A 92 -18.25 1.60 -2.04
CA PRO A 92 -19.32 1.61 -1.02
C PRO A 92 -19.87 0.22 -0.70
N ASN A 93 -19.88 -0.68 -1.67
CA ASN A 93 -20.39 -2.03 -1.45
C ASN A 93 -19.32 -3.03 -1.03
N THR A 94 -18.05 -2.64 -1.05
CA THR A 94 -16.97 -3.53 -0.63
C THR A 94 -16.32 -3.10 0.67
N CYS A 95 -16.84 -2.05 1.33
CA CYS A 95 -16.29 -1.65 2.63
C CYS A 95 -16.45 -2.76 3.66
N CYS A 96 -17.57 -3.50 3.58
CA CYS A 96 -17.78 -4.62 4.50
C CYS A 96 -16.75 -5.72 4.25
N HIS A 97 -16.43 -6.00 2.99
CA HIS A 97 -15.40 -6.99 2.68
C HIS A 97 -14.02 -6.51 3.11
N PHE A 98 -13.76 -5.21 3.00
CA PHE A 98 -12.47 -4.66 3.40
C PHE A 98 -12.19 -4.91 4.88
N TRP A 99 -13.19 -4.68 5.73
CA TRP A 99 -13.00 -4.90 7.17
C TRP A 99 -13.05 -6.37 7.53
N LEU A 100 -13.78 -7.19 6.76
CA LEU A 100 -13.74 -8.63 6.97
C LEU A 100 -12.34 -9.18 6.68
N MET A 101 -11.69 -8.65 5.64
CA MET A 101 -10.32 -9.07 5.34
C MET A 101 -9.36 -8.63 6.43
N VAL A 102 -9.50 -7.40 6.94
CA VAL A 102 -8.62 -6.91 7.98
C VAL A 102 -8.72 -7.78 9.23
N TRP A 103 -9.94 -8.22 9.56
CA TRP A 103 -10.13 -9.06 10.74
C TRP A 103 -9.55 -10.46 10.52
N GLN A 104 -9.82 -11.05 9.36
CA GLN A 104 -9.39 -12.43 9.12
C GLN A 104 -7.87 -12.54 9.02
N GLN A 105 -7.22 -11.52 8.44
CA GLN A 105 -5.78 -11.53 8.26
C GLN A 105 -5.03 -11.02 9.49
N LYS A 106 -5.74 -10.71 10.57
CA LYS A 106 -5.13 -10.20 11.81
C LYS A 106 -4.30 -8.94 11.53
N THR A 107 -4.78 -8.12 10.61
CA THR A 107 -4.08 -6.90 10.24
C THR A 107 -4.14 -5.89 11.39
N LYS A 108 -3.01 -5.23 11.65
CA LYS A 108 -2.91 -4.26 12.74
C LYS A 108 -3.01 -2.82 12.27
N ALA A 109 -2.59 -2.52 11.05
CA ALA A 109 -2.61 -1.14 10.56
C ALA A 109 -3.06 -1.08 9.11
N VAL A 110 -3.69 0.03 8.76
CA VAL A 110 -4.08 0.34 7.38
C VAL A 110 -3.34 1.59 6.96
N VAL A 111 -2.71 1.54 5.80
CA VAL A 111 -1.94 2.66 5.26
C VAL A 111 -2.68 3.19 4.05
N MET A 112 -3.17 4.43 4.16
CA MET A 112 -3.92 5.09 3.10
C MET A 112 -3.05 6.21 2.52
N LEU A 113 -2.74 6.11 1.23
CA LEU A 113 -1.86 7.06 0.55
C LEU A 113 -2.61 7.97 -0.41
N ASN A 114 -3.92 8.10 -0.25
CA ASN A 114 -4.71 8.92 -1.15
C ASN A 114 -5.79 9.64 -0.35
N ARG A 115 -6.34 10.68 -0.97
N ARG A 115 -6.34 10.68 -0.97
CA ARG A 115 -7.48 11.39 -0.39
CA ARG A 115 -7.48 11.40 -0.40
C ARG A 115 -8.78 10.75 -0.85
C ARG A 115 -8.78 10.72 -0.82
N ILE A 116 -9.87 11.11 -0.16
CA ILE A 116 -11.18 10.56 -0.50
C ILE A 116 -11.59 11.02 -1.89
N VAL A 117 -11.42 12.30 -2.18
CA VAL A 117 -11.67 12.84 -3.50
C VAL A 117 -10.37 13.48 -4.01
N GLU A 118 -10.15 13.37 -5.32
CA GLU A 118 -8.95 13.91 -5.96
C GLU A 118 -9.30 14.26 -7.39
N LYS A 119 -9.13 15.53 -7.75
CA LYS A 119 -9.38 16.03 -9.11
C LYS A 119 -10.81 15.73 -9.54
N GLU A 120 -11.76 16.24 -8.76
CA GLU A 120 -13.20 16.16 -9.05
C GLU A 120 -13.70 14.71 -9.11
N SER A 121 -12.98 13.77 -8.51
CA SER A 121 -13.33 12.36 -8.60
C SER A 121 -13.10 11.67 -7.26
N VAL A 122 -14.04 10.79 -6.90
CA VAL A 122 -13.92 10.02 -5.68
C VAL A 122 -13.00 8.84 -5.93
N LYS A 123 -11.89 8.78 -5.21
CA LYS A 123 -10.91 7.71 -5.36
C LYS A 123 -11.09 6.59 -4.34
N CYS A 124 -11.88 6.83 -3.29
CA CYS A 124 -12.06 5.84 -2.23
C CYS A 124 -13.30 6.21 -1.43
N ALA A 125 -14.04 5.20 -0.99
CA ALA A 125 -15.21 5.44 -0.16
C ALA A 125 -14.79 5.70 1.28
N GLN A 126 -15.64 6.41 2.01
CA GLN A 126 -15.40 6.71 3.42
C GLN A 126 -15.70 5.47 4.24
N TYR A 127 -14.71 4.60 4.38
CA TYR A 127 -14.89 3.33 5.06
C TYR A 127 -14.64 3.38 6.56
N TRP A 128 -14.37 4.56 7.10
CA TRP A 128 -14.20 4.74 8.54
C TRP A 128 -14.93 6.00 8.97
N PRO A 129 -15.48 6.03 10.18
CA PRO A 129 -16.23 7.20 10.62
C PRO A 129 -15.33 8.37 10.96
N THR A 130 -15.84 9.58 10.72
CA THR A 130 -15.10 10.80 11.01
C THR A 130 -15.45 11.41 12.37
N ASP A 131 -16.61 11.07 12.93
CA ASP A 131 -17.01 11.59 14.23
C ASP A 131 -17.17 10.47 15.23
N ASP A 132 -18.03 10.66 16.23
CA ASP A 132 -18.27 9.66 17.25
C ASP A 132 -19.37 8.67 16.87
N GLN A 133 -19.96 8.80 15.69
CA GLN A 133 -21.02 7.89 15.26
C GLN A 133 -20.43 6.57 14.80
N GLU A 134 -21.11 5.49 15.14
CA GLU A 134 -20.67 4.15 14.75
C GLU A 134 -21.00 3.89 13.29
N MET A 135 -20.06 3.25 12.59
CA MET A 135 -20.24 2.88 11.20
C MET A 135 -20.51 1.39 11.13
N LEU A 136 -21.71 1.03 10.68
CA LEU A 136 -22.14 -0.37 10.67
C LEU A 136 -21.88 -1.01 9.31
N PHE A 137 -21.52 -2.29 9.35
CA PHE A 137 -21.31 -3.11 8.15
C PHE A 137 -22.04 -4.45 8.39
N LYS A 138 -23.36 -4.43 8.20
CA LYS A 138 -24.18 -5.59 8.53
C LYS A 138 -23.90 -6.80 7.64
N GLU A 139 -23.31 -6.58 6.45
CA GLU A 139 -23.08 -7.68 5.53
C GLU A 139 -22.07 -8.68 6.10
N THR A 140 -21.03 -8.18 6.77
CA THR A 140 -20.01 -9.02 7.35
C THR A 140 -20.04 -9.02 8.88
N GLY A 141 -20.90 -8.22 9.49
CA GLY A 141 -21.03 -8.20 10.94
C GLY A 141 -19.88 -7.48 11.63
N PHE A 142 -19.59 -6.26 11.20
CA PHE A 142 -18.51 -5.47 11.79
C PHE A 142 -18.96 -4.04 11.98
N SER A 143 -18.35 -3.38 12.97
CA SER A 143 -18.58 -1.96 13.22
C SER A 143 -17.23 -1.30 13.50
N VAL A 144 -17.10 -0.05 13.07
CA VAL A 144 -15.86 0.71 13.21
C VAL A 144 -16.18 2.00 13.95
N LYS A 145 -15.40 2.29 14.99
N LYS A 145 -15.39 2.30 14.99
CA LYS A 145 -15.52 3.50 15.77
CA LYS A 145 -15.53 3.50 15.77
C LYS A 145 -14.21 4.27 15.74
C LYS A 145 -14.21 4.26 15.79
N LEU A 146 -14.30 5.59 15.76
CA LEU A 146 -13.12 6.45 15.78
C LEU A 146 -12.77 6.75 17.24
N LEU A 147 -11.60 6.26 17.66
CA LEU A 147 -11.17 6.41 19.05
C LEU A 147 -10.31 7.66 19.26
N SER A 148 -9.40 7.93 18.33
CA SER A 148 -8.49 9.06 18.45
C SER A 148 -8.06 9.50 17.06
N GLU A 149 -7.52 10.72 16.98
CA GLU A 149 -7.07 11.28 15.72
C GLU A 149 -5.91 12.24 15.98
N ASP A 150 -4.80 12.01 15.28
CA ASP A 150 -3.61 12.85 15.39
C ASP A 150 -3.34 13.48 14.03
N VAL A 151 -3.61 14.76 13.90
CA VAL A 151 -3.45 15.48 12.64
C VAL A 151 -2.06 16.09 12.60
N LYS A 152 -1.27 15.71 11.61
CA LYS A 152 0.06 16.26 11.40
C LYS A 152 0.06 17.12 10.14
N SER A 153 1.26 17.52 9.70
CA SER A 153 1.37 18.47 8.60
C SER A 153 0.95 17.84 7.28
N TYR A 154 1.44 16.64 6.99
N TYR A 154 1.46 16.64 6.98
CA TYR A 154 1.17 15.99 5.71
CA TYR A 154 1.19 15.98 5.71
C TYR A 154 0.46 14.64 5.85
C TYR A 154 0.35 14.71 5.85
N TYR A 155 0.12 14.23 7.07
CA TYR A 155 -0.60 12.98 7.27
C TYR A 155 -1.38 13.04 8.57
N THR A 156 -2.31 12.09 8.73
CA THR A 156 -3.15 12.00 9.92
C THR A 156 -3.24 10.54 10.34
N VAL A 157 -3.13 10.30 11.64
CA VAL A 157 -3.22 8.97 12.22
C VAL A 157 -4.54 8.85 12.97
N HIS A 158 -5.39 7.91 12.53
CA HIS A 158 -6.67 7.64 13.17
C HIS A 158 -6.57 6.34 13.95
N LEU A 159 -6.97 6.38 15.22
CA LEU A 159 -7.09 5.17 16.03
C LEU A 159 -8.51 4.65 15.93
N LEU A 160 -8.66 3.46 15.37
CA LEU A 160 -9.98 2.88 15.10
C LEU A 160 -10.20 1.64 15.96
N GLN A 161 -11.47 1.35 16.24
CA GLN A 161 -11.87 0.15 16.95
C GLN A 161 -12.69 -0.72 16.00
N LEU A 162 -12.11 -1.83 15.58
CA LEU A 162 -12.81 -2.80 14.74
C LEU A 162 -13.49 -3.83 15.65
N GLU A 163 -14.82 -3.84 15.63
CA GLU A 163 -15.60 -4.68 16.51
C GLU A 163 -16.35 -5.75 15.71
N ASN A 164 -16.25 -7.00 16.16
CA ASN A 164 -17.08 -8.08 15.63
C ASN A 164 -18.41 -8.02 16.36
N ILE A 165 -19.43 -7.48 15.69
CA ILE A 165 -20.73 -7.25 16.34
C ILE A 165 -21.44 -8.53 16.73
N ASN A 166 -20.98 -9.68 16.25
CA ASN A 166 -21.60 -10.95 16.60
C ASN A 166 -20.94 -11.62 17.79
N SER A 167 -19.63 -11.39 17.99
CA SER A 167 -18.92 -11.97 19.12
C SER A 167 -18.53 -10.94 20.18
N GLY A 168 -18.63 -9.65 19.88
CA GLY A 168 -18.25 -8.61 20.81
C GLY A 168 -16.76 -8.33 20.88
N GLU A 169 -15.93 -9.15 20.25
CA GLU A 169 -14.49 -8.93 20.29
C GLU A 169 -14.12 -7.67 19.52
N THR A 170 -13.22 -6.87 20.09
CA THR A 170 -12.78 -5.62 19.49
C THR A 170 -11.28 -5.66 19.27
N ARG A 171 -10.83 -4.92 18.25
CA ARG A 171 -9.42 -4.81 17.93
C ARG A 171 -9.11 -3.36 17.58
N THR A 172 -7.96 -2.87 18.05
CA THR A 172 -7.52 -1.51 17.77
C THR A 172 -6.70 -1.52 16.48
N ILE A 173 -7.09 -0.67 15.53
CA ILE A 173 -6.42 -0.58 14.24
C ILE A 173 -5.83 0.82 14.12
N SER A 174 -4.57 0.89 13.69
CA SER A 174 -3.90 2.16 13.45
C SER A 174 -4.05 2.55 11.98
N HIS A 175 -4.73 3.67 11.73
CA HIS A 175 -5.03 4.13 10.38
C HIS A 175 -4.09 5.28 10.04
N PHE A 176 -3.07 4.99 9.24
CA PHE A 176 -2.12 6.01 8.79
C PHE A 176 -2.58 6.54 7.44
N HIS A 177 -2.93 7.82 7.40
CA HIS A 177 -3.52 8.45 6.21
C HIS A 177 -2.59 9.53 5.71
N TYR A 178 -1.85 9.24 4.65
CA TYR A 178 -1.03 10.24 3.96
C TYR A 178 -1.95 11.05 3.06
N THR A 179 -2.11 12.33 3.36
CA THR A 179 -3.13 13.15 2.70
C THR A 179 -2.57 14.14 1.69
N THR A 180 -1.25 14.19 1.49
CA THR A 180 -0.65 15.22 0.63
C THR A 180 0.24 14.59 -0.44
N TRP A 181 -0.28 13.56 -1.09
N TRP A 181 -0.24 13.55 -1.10
CA TRP A 181 0.40 12.90 -2.20
CA TRP A 181 0.49 13.03 -2.25
C TRP A 181 -0.59 12.73 -3.34
C TRP A 181 0.04 13.78 -3.50
N PRO A 182 -0.41 13.44 -4.47
N PRO A 182 0.93 14.53 -4.17
CA PRO A 182 -1.31 13.32 -5.63
CA PRO A 182 0.65 15.39 -5.32
C PRO A 182 -1.23 11.95 -6.30
C PRO A 182 -0.24 14.73 -6.39
N VAL A 186 4.40 12.39 -7.41
N VAL A 186 4.90 13.11 -8.07
CA VAL A 186 5.40 12.14 -6.38
CA VAL A 186 5.46 12.61 -6.81
C VAL A 186 5.28 13.18 -5.26
C VAL A 186 5.99 13.78 -5.98
N PRO A 187 5.58 12.76 -4.03
N PRO A 187 6.06 13.60 -4.67
CA PRO A 187 5.45 13.67 -2.89
CA PRO A 187 6.65 14.65 -3.82
C PRO A 187 6.48 14.79 -2.90
C PRO A 187 8.09 14.96 -4.22
N GLU A 188 6.41 15.68 -1.92
N GLU A 188 8.45 16.24 -4.13
CA GLU A 188 7.33 16.80 -1.78
CA GLU A 188 9.77 16.66 -4.55
C GLU A 188 8.56 16.31 -1.01
C GLU A 188 10.86 16.14 -3.63
N SER A 189 9.58 15.89 -1.77
N SER A 189 10.55 15.93 -2.34
CA SER A 189 10.86 15.39 -1.26
CA SER A 189 11.52 15.47 -1.37
C SER A 189 10.68 14.07 -0.53
C SER A 189 11.01 14.22 -0.67
N PRO A 190 11.72 13.23 -0.45
N PRO A 190 11.86 13.23 -0.45
CA PRO A 190 11.58 11.96 0.28
CA PRO A 190 11.44 12.01 0.27
C PRO A 190 11.53 12.13 1.79
C PRO A 190 11.44 12.16 1.78
N ALA A 191 11.77 13.33 2.31
CA ALA A 191 11.80 13.52 3.77
C ALA A 191 10.44 13.28 4.40
N SER A 192 9.39 13.88 3.83
CA SER A 192 8.05 13.68 4.37
C SER A 192 7.61 12.24 4.22
N PHE A 193 7.88 11.62 3.07
CA PHE A 193 7.45 10.23 2.86
C PHE A 193 8.18 9.28 3.80
N LEU A 194 9.49 9.47 3.98
CA LEU A 194 10.25 8.58 4.85
C LEU A 194 9.85 8.74 6.30
N ASN A 195 9.59 9.97 6.75
CA ASN A 195 9.13 10.19 8.12
C ASN A 195 7.75 9.57 8.34
N PHE A 196 6.90 9.56 7.30
CA PHE A 196 5.62 8.87 7.40
C PHE A 196 5.82 7.36 7.45
N LEU A 197 6.74 6.84 6.63
CA LEU A 197 6.98 5.40 6.61
C LEU A 197 7.53 4.90 7.94
N PHE A 198 8.50 5.61 8.51
CA PHE A 198 9.10 5.19 9.76
C PHE A 198 8.24 5.51 10.97
N LYS A 199 7.23 6.37 10.83
CA LYS A 199 6.20 6.48 11.86
C LYS A 199 5.34 5.22 11.86
N VAL A 200 5.08 4.65 10.68
CA VAL A 200 4.40 3.37 10.60
C VAL A 200 5.28 2.27 11.17
N ARG A 201 6.60 2.34 10.90
CA ARG A 201 7.53 1.38 11.48
C ARG A 201 7.58 1.49 13.00
N GLU A 202 7.52 2.71 13.52
CA GLU A 202 7.65 2.92 14.96
C GLU A 202 6.48 2.31 15.73
N SER A 203 5.31 2.21 15.09
CA SER A 203 4.14 1.63 15.74
C SER A 203 4.23 0.11 15.86
N GLY A 204 5.26 -0.51 15.29
CA GLY A 204 5.36 -1.96 15.33
C GLY A 204 4.33 -2.68 14.49
N SER A 205 3.68 -1.98 13.55
CA SER A 205 2.61 -2.58 12.78
C SER A 205 3.12 -3.50 11.69
N LEU A 206 4.33 -3.28 11.19
CA LEU A 206 4.93 -4.11 10.16
C LEU A 206 5.73 -5.26 10.75
N ASN A 207 5.73 -5.43 12.06
CA ASN A 207 6.50 -6.47 12.70
C ASN A 207 5.88 -7.84 12.46
N PRO A 208 6.67 -8.91 12.50
CA PRO A 208 6.14 -10.24 12.18
C PRO A 208 5.13 -10.78 13.18
N ASP A 209 5.05 -10.21 14.39
CA ASP A 209 4.08 -10.68 15.37
C ASP A 209 2.66 -10.23 15.06
N HIS A 210 2.46 -9.49 13.99
CA HIS A 210 1.14 -9.07 13.53
C HIS A 210 0.87 -9.63 12.14
N GLY A 211 -0.39 -9.53 11.72
CA GLY A 211 -0.75 -9.86 10.36
C GLY A 211 -0.22 -8.83 9.39
N PRO A 212 -0.36 -9.11 8.09
CA PRO A 212 0.15 -8.16 7.08
C PRO A 212 -0.63 -6.85 7.11
N ALA A 213 0.10 -5.74 7.06
CA ALA A 213 -0.53 -4.43 7.00
C ALA A 213 -1.16 -4.21 5.63
N VAL A 214 -2.27 -3.49 5.62
CA VAL A 214 -3.03 -3.24 4.40
C VAL A 214 -2.60 -1.89 3.84
N ILE A 215 -1.93 -1.92 2.69
CA ILE A 215 -1.52 -0.72 1.97
C ILE A 215 -2.48 -0.51 0.81
N HIS A 216 -2.95 0.72 0.64
CA HIS A 216 -3.91 0.99 -0.42
C HIS A 216 -3.89 2.47 -0.77
N CYS A 217 -4.06 2.76 -2.06
CA CYS A 217 -4.34 4.11 -2.53
C CYS A 217 -5.66 4.08 -3.30
N SER A 218 -5.66 4.61 -4.53
CA SER A 218 -6.85 4.50 -5.35
C SER A 218 -6.95 3.13 -5.99
N ALA A 219 -5.98 2.78 -6.84
CA ALA A 219 -5.92 1.46 -7.45
C ALA A 219 -5.09 0.47 -6.64
N GLY A 220 -4.19 0.95 -5.78
CA GLY A 220 -3.38 0.08 -4.97
C GLY A 220 -2.19 -0.53 -5.67
N ILE A 221 -1.64 0.14 -6.68
CA ILE A 221 -0.48 -0.37 -7.39
C ILE A 221 0.58 0.74 -7.53
N GLY A 222 0.13 1.98 -7.65
CA GLY A 222 1.05 3.09 -7.88
C GLY A 222 1.72 3.58 -6.63
N ARG A 223 1.00 4.35 -5.82
CA ARG A 223 1.57 4.87 -4.58
C ARG A 223 1.83 3.75 -3.58
N SER A 224 0.99 2.71 -3.57
CA SER A 224 1.21 1.59 -2.67
C SER A 224 2.48 0.83 -3.04
N GLY A 225 2.76 0.70 -4.34
CA GLY A 225 4.00 0.07 -4.75
C GLY A 225 5.23 0.85 -4.34
N THR A 226 5.12 2.19 -4.34
CA THR A 226 6.23 3.01 -3.87
C THR A 226 6.47 2.81 -2.38
N PHE A 227 5.41 2.74 -1.59
CA PHE A 227 5.54 2.53 -0.15
C PHE A 227 6.17 1.17 0.14
N SER A 228 5.69 0.13 -0.53
CA SER A 228 6.17 -1.22 -0.24
C SER A 228 7.60 -1.44 -0.73
N LEU A 229 7.94 -0.85 -1.89
CA LEU A 229 9.28 -1.05 -2.44
C LEU A 229 10.34 -0.38 -1.57
N VAL A 230 10.08 0.84 -1.11
CA VAL A 230 11.05 1.56 -0.29
C VAL A 230 11.22 0.87 1.05
N ASP A 231 10.11 0.43 1.65
CA ASP A 231 10.19 -0.24 2.96
C ASP A 231 10.92 -1.58 2.85
N THR A 232 10.62 -2.35 1.80
CA THR A 232 11.27 -3.65 1.64
C THR A 232 12.75 -3.50 1.35
N CYS A 233 13.11 -2.56 0.45
CA CYS A 233 14.52 -2.37 0.12
C CYS A 233 15.32 -1.88 1.33
N LEU A 234 14.70 -1.05 2.18
CA LEU A 234 15.39 -0.59 3.38
C LEU A 234 15.64 -1.74 4.35
N VAL A 235 14.68 -2.65 4.48
CA VAL A 235 14.88 -3.83 5.33
C VAL A 235 15.99 -4.70 4.76
N LEU A 236 16.03 -4.86 3.43
CA LEU A 236 17.07 -5.67 2.81
C LEU A 236 18.46 -5.05 2.96
N MET A 237 18.53 -3.72 3.09
CA MET A 237 19.81 -3.06 3.29
C MET A 237 20.33 -3.24 4.72
N GLU A 238 19.42 -3.28 5.71
CA GLU A 238 19.85 -3.50 7.08
C GLU A 238 20.47 -4.88 7.25
N LYS A 239 20.10 -5.84 6.40
CA LYS A 239 20.67 -7.17 6.43
C LYS A 239 22.05 -7.23 5.78
N GLY A 240 22.59 -6.10 5.35
CA GLY A 240 23.90 -6.06 4.71
C GLY A 240 23.91 -6.54 3.27
N ASP A 241 22.75 -6.63 2.62
CA ASP A 241 22.67 -7.15 1.26
C ASP A 241 22.71 -6.00 0.26
N ASP A 242 23.55 -6.14 -0.76
CA ASP A 242 23.58 -5.20 -1.88
C ASP A 242 22.41 -5.54 -2.80
N ILE A 243 21.40 -4.68 -2.83
CA ILE A 243 20.14 -5.00 -3.48
C ILE A 243 20.17 -4.53 -4.92
N ASN A 244 19.35 -5.18 -5.75
CA ASN A 244 19.04 -4.73 -7.10
C ASN A 244 17.60 -4.25 -7.06
N ILE A 245 17.40 -2.93 -6.97
CA ILE A 245 16.07 -2.36 -6.82
C ILE A 245 15.16 -2.77 -7.97
N LYS A 246 15.72 -2.91 -9.17
CA LYS A 246 14.93 -3.37 -10.31
C LYS A 246 14.46 -4.79 -10.11
N GLN A 247 15.33 -5.68 -9.63
CA GLN A 247 14.94 -7.07 -9.41
C GLN A 247 13.97 -7.19 -8.25
N VAL A 248 14.16 -6.39 -7.20
CA VAL A 248 13.24 -6.43 -6.07
C VAL A 248 11.85 -5.98 -6.51
N LEU A 249 11.78 -4.93 -7.34
CA LEU A 249 10.48 -4.46 -7.81
C LEU A 249 9.83 -5.49 -8.73
N LEU A 250 10.61 -6.08 -9.64
CA LEU A 250 10.06 -7.11 -10.52
C LEU A 250 9.59 -8.33 -9.74
N ASN A 251 10.25 -8.64 -8.62
CA ASN A 251 9.81 -9.75 -7.78
C ASN A 251 8.48 -9.43 -7.10
N MET A 252 8.33 -8.19 -6.61
CA MET A 252 7.06 -7.81 -6.00
C MET A 252 5.93 -7.71 -7.01
N ARG A 253 6.26 -7.39 -8.27
CA ARG A 253 5.26 -7.34 -9.32
C ARG A 253 4.71 -8.71 -9.67
N LYS A 254 5.33 -9.80 -9.19
CA LYS A 254 4.78 -11.12 -9.38
C LYS A 254 3.55 -11.36 -8.50
N TYR A 255 3.40 -10.59 -7.42
CA TYR A 255 2.26 -10.74 -6.52
C TYR A 255 1.13 -9.79 -6.86
N ARG A 256 1.42 -8.64 -7.45
CA ARG A 256 0.39 -7.69 -7.86
C ARG A 256 0.88 -6.96 -9.10
N MET A 257 0.00 -6.80 -10.07
CA MET A 257 0.38 -6.24 -11.37
C MET A 257 0.60 -4.73 -11.27
N GLY A 258 1.56 -4.24 -12.05
CA GLY A 258 1.73 -2.81 -12.27
C GLY A 258 2.17 -2.00 -11.07
N LEU A 259 2.95 -2.59 -10.17
CA LEU A 259 3.52 -1.81 -9.07
C LEU A 259 4.48 -0.76 -9.61
N ILE A 260 4.36 0.46 -9.10
CA ILE A 260 5.03 1.65 -9.62
C ILE A 260 4.48 1.93 -11.02
N GLN A 261 3.81 3.08 -11.17
CA GLN A 261 3.06 3.37 -12.39
C GLN A 261 3.77 4.34 -13.33
N THR A 262 4.63 5.20 -12.83
CA THR A 262 5.31 6.20 -13.65
C THR A 262 6.81 6.12 -13.41
N PRO A 263 7.62 6.56 -14.37
CA PRO A 263 9.06 6.66 -14.11
C PRO A 263 9.39 7.62 -12.99
N ASP A 264 8.55 8.63 -12.77
CA ASP A 264 8.78 9.55 -11.65
C ASP A 264 8.60 8.85 -10.32
N GLN A 265 7.61 7.95 -10.22
CA GLN A 265 7.44 7.15 -9.01
C GLN A 265 8.63 6.23 -8.81
N LEU A 266 9.17 5.68 -9.90
CA LEU A 266 10.37 4.85 -9.79
C LEU A 266 11.56 5.67 -9.34
N ARG A 267 11.71 6.88 -9.87
CA ARG A 267 12.83 7.74 -9.47
C ARG A 267 12.67 8.19 -8.03
N PHE A 268 11.44 8.46 -7.60
CA PHE A 268 11.22 8.84 -6.20
C PHE A 268 11.54 7.69 -5.26
N SER A 269 11.23 6.46 -5.67
CA SER A 269 11.59 5.30 -4.86
C SER A 269 13.11 5.20 -4.71
N TYR A 270 13.85 5.51 -5.77
CA TYR A 270 15.30 5.52 -5.67
C TYR A 270 15.79 6.58 -4.70
N MET A 271 15.15 7.76 -4.72
CA MET A 271 15.56 8.83 -3.82
C MET A 271 15.23 8.49 -2.37
N ALA A 272 14.04 7.91 -2.12
CA ALA A 272 13.66 7.57 -0.76
C ALA A 272 14.53 6.48 -0.17
N ILE A 273 14.99 5.54 -1.01
CA ILE A 273 15.87 4.48 -0.52
C ILE A 273 17.25 5.05 -0.19
N ILE A 274 17.75 5.96 -1.02
CA ILE A 274 19.07 6.54 -0.77
C ILE A 274 19.03 7.45 0.45
N GLU A 275 18.04 8.34 0.51
CA GLU A 275 17.95 9.24 1.66
C GLU A 275 17.55 8.50 2.93
N GLY A 276 16.76 7.44 2.80
CA GLY A 276 16.37 6.66 3.97
C GLY A 276 17.56 5.94 4.60
N ALA A 277 18.40 5.32 3.77
CA ALA A 277 19.59 4.67 4.29
C ALA A 277 20.60 5.68 4.84
N LYS A 278 20.58 6.91 4.34
CA LYS A 278 21.48 7.94 4.85
C LYS A 278 21.05 8.40 6.23
N CYS A 279 19.75 8.50 6.48
CA CYS A 279 19.27 8.94 7.78
C CYS A 279 19.59 7.94 8.88
N ILE A 280 19.83 6.68 8.54
CA ILE A 280 20.27 5.72 9.55
C ILE A 280 21.74 5.93 9.88
N LYS A 281 22.53 6.39 8.91
CA LYS A 281 23.94 6.69 9.14
C LYS A 281 24.05 7.96 9.97
O36 FRJ B . 22.84 13.87 7.76
S33 FRJ B . 21.83 12.95 8.11
O35 FRJ B . 22.16 11.59 8.31
N34 FRJ B . 21.16 13.51 9.50
C37 FRJ B . 20.53 12.75 10.48
N38 FRJ B . 20.44 11.42 10.41
C39 FRJ B . 19.76 10.92 11.53
C40 FRJ B . 19.34 11.87 12.42
S41 FRJ B . 19.77 13.45 11.91
C30 FRJ B . 20.56 13.02 6.89
C31 FRJ B . 19.46 13.87 7.06
C32 FRJ B . 18.48 13.93 6.10
C29 FRJ B . 20.68 12.24 5.72
C28 FRJ B . 19.69 12.30 4.76
C27 FRJ B . 18.58 13.15 4.93
N16 FRJ B . 17.58 13.21 3.94
S15 FRJ B . 16.04 13.74 4.09
O17 FRJ B . 15.44 13.43 2.85
O18 FRJ B . 16.11 15.11 4.49
C2 FRJ B . 15.28 12.79 5.35
C1 FRJ B . 14.66 13.44 6.43
C3 FRJ B . 15.32 11.41 5.29
C6 FRJ B . 14.74 10.65 6.27
O7 FRJ B . 14.68 9.27 6.36
C5 FRJ B . 14.11 11.26 7.34
C4 FRJ B . 14.07 12.67 7.43
C9 FRJ B . 13.63 10.17 8.15
C8 FRJ B . 14.00 9.00 7.51
C13 FRJ B . 13.74 7.61 7.93
C14 FRJ B . 14.99 6.76 7.80
C10 FRJ B . 12.87 10.39 9.44
O12 FRJ B . 12.11 11.35 9.51
C11 FRJ B . 13.08 9.46 10.59
C19 FRJ B . 14.34 8.98 10.94
C20 FRJ B . 14.44 8.12 12.02
BR26 FRJ B . 16.17 7.45 12.49
C21 FRJ B . 13.32 7.74 12.74
O25 FRJ B . 13.51 6.90 13.78
C22 FRJ B . 12.08 8.24 12.38
C23 FRJ B . 11.93 9.10 11.30
BR24 FRJ B . 10.50 7.74 13.36
#